data_4B5J
#
_entry.id   4B5J
#
_cell.length_a   69.880
_cell.length_b   69.880
_cell.length_c   122.270
_cell.angle_alpha   90.00
_cell.angle_beta   90.00
_cell.angle_gamma   90.00
#
_symmetry.space_group_name_H-M   'P 43 21 2'
#
loop_
_entity.id
_entity.type
_entity.pdbx_description
1 polymer 'PUTATIVE EXODEOXYRIBONUCLEASE'
2 polymer "5'-D(*GP*CP*TP*AP*CP*(3DR)P*CP*AP*TP*CP*GP)-3'"
3 polymer "5'-D(*CP*GP*AP*TP*GP*AP*GP*TP*AP*GP*CP)-3'"
4 water water
#
loop_
_entity_poly.entity_id
_entity_poly.type
_entity_poly.pdbx_seq_one_letter_code
_entity_poly.pdbx_strand_id
1 'polypeptide(L)'
;MLKIISANVNGIRSAYKKGFYEYIAASGADIVCVQELKAQEADLSADMKNPHGMHGHWHCAEKRGYSGVAVYSKRKPDNV
QIGMGIEEFDREGRFVRCDFGRLSVISLYLPSGSSAEERQQVKYRFLDAFYPMLEAMKNEGRDIVVCGDWNIAHQNIDLK
NWKGNQKNSGFLPEEREWIGKVIHKLGWTDMWRTLYPDVPGYTWWSNRGQAYAKDVGWRIDYQMVTPELAAKAVSAHVYK
DEKFSDHAPLVVEYDYAAE
;
A
2 'polydeoxyribonucleotide' (DG)(DC)(DT)(DA)(DC)(3DR)(DC)(DA)(DT)(DC)(DG) U
3 'polydeoxyribonucleotide' (DC)(DG)(DA)(DT)(DG)(DA)(DG)(DT)(DA)(DG)(DC) V
#
loop_
_chem_comp.id
_chem_comp.type
_chem_comp.name
_chem_comp.formula
3DR DNA linking 1',2'-DIDEOXYRIBOFURANOSE-5'-PHOSPHATE 'C5 H11 O6 P'
DA DNA linking 2'-DEOXYADENOSINE-5'-MONOPHOSPHATE 'C10 H14 N5 O6 P'
DC DNA linking 2'-DEOXYCYTIDINE-5'-MONOPHOSPHATE 'C9 H14 N3 O7 P'
DG DNA linking 2'-DEOXYGUANOSINE-5'-MONOPHOSPHATE 'C10 H14 N5 O7 P'
DT DNA linking THYMIDINE-5'-MONOPHOSPHATE 'C10 H15 N2 O8 P'
#
# COMPACT_ATOMS: atom_id res chain seq x y z
N MET A 1 -16.69 13.47 -4.34
CA MET A 1 -16.16 12.13 -4.11
C MET A 1 -14.72 12.18 -3.61
N LEU A 2 -14.37 11.25 -2.73
CA LEU A 2 -13.01 11.15 -2.20
C LEU A 2 -12.25 10.03 -2.90
N LYS A 3 -11.28 10.37 -3.74
CA LYS A 3 -10.55 9.35 -4.49
C LYS A 3 -9.16 9.11 -3.92
N ILE A 4 -8.91 7.88 -3.47
CA ILE A 4 -7.63 7.51 -2.89
C ILE A 4 -6.93 6.46 -3.73
N ILE A 5 -5.67 6.73 -4.05
CA ILE A 5 -4.85 5.83 -4.86
C ILE A 5 -3.65 5.32 -4.09
N SER A 6 -3.44 4.01 -4.14
CA SER A 6 -2.26 3.38 -3.57
C SER A 6 -1.40 2.81 -4.70
N ALA A 7 -0.11 3.17 -4.71
CA ALA A 7 0.78 2.74 -5.78
C ALA A 7 2.21 2.49 -5.31
N ASN A 8 2.63 1.24 -5.38
CA ASN A 8 4.04 0.91 -5.21
C ASN A 8 4.74 1.22 -6.53
N VAL A 9 5.57 2.26 -6.53
CA VAL A 9 6.12 2.79 -7.77
C VAL A 9 7.41 2.10 -8.22
N ASN A 10 7.90 1.17 -7.40
CA ASN A 10 9.15 0.48 -7.72
C ASN A 10 10.20 1.51 -8.14
N GLY A 11 10.45 2.48 -7.26
CA GLY A 11 11.40 3.54 -7.54
C GLY A 11 10.70 4.77 -8.12
N ILE A 12 10.54 5.80 -7.30
CA ILE A 12 9.78 6.98 -7.72
C ILE A 12 10.40 7.75 -8.90
N ARG A 13 11.72 7.80 -8.97
CA ARG A 13 12.38 8.47 -10.08
C ARG A 13 12.08 7.75 -11.39
N SER A 14 12.23 6.43 -11.38
CA SER A 14 11.85 5.60 -12.51
C SER A 14 10.40 5.83 -12.91
N ALA A 15 9.50 5.73 -11.93
CA ALA A 15 8.08 5.88 -12.19
C ALA A 15 7.77 7.22 -12.84
N TYR A 16 8.40 8.28 -12.33
CA TYR A 16 8.27 9.60 -12.95
C TYR A 16 8.76 9.59 -14.39
N LYS A 17 9.82 8.81 -14.66
CA LYS A 17 10.29 8.65 -16.03
C LYS A 17 9.26 7.92 -16.90
N LYS A 18 8.42 7.11 -16.28
CA LYS A 18 7.42 6.35 -17.02
C LYS A 18 6.03 6.99 -16.99
N GLY A 19 5.97 8.25 -16.57
CA GLY A 19 4.74 9.02 -16.68
C GLY A 19 3.82 8.99 -15.47
N PHE A 20 4.35 8.67 -14.30
CA PHE A 20 3.54 8.64 -13.08
C PHE A 20 3.16 10.04 -12.62
N TYR A 21 4.04 11.01 -12.88
CA TYR A 21 3.79 12.39 -12.46
C TYR A 21 2.54 12.95 -13.13
N GLU A 22 2.41 12.70 -14.43
CA GLU A 22 1.21 13.12 -15.15
C GLU A 22 0.00 12.35 -14.65
N TYR A 23 0.22 11.09 -14.27
CA TYR A 23 -0.87 10.26 -13.79
C TYR A 23 -1.46 10.80 -12.50
N ILE A 24 -0.60 11.29 -11.60
CA ILE A 24 -1.07 11.87 -10.36
C ILE A 24 -2.20 12.85 -10.62
N ALA A 25 -1.98 13.76 -11.57
CA ALA A 25 -2.95 14.80 -11.90
C ALA A 25 -4.12 14.26 -12.72
N ALA A 26 -3.83 13.48 -13.75
CA ALA A 26 -4.87 12.96 -14.62
C ALA A 26 -5.89 12.11 -13.87
N SER A 27 -5.41 11.33 -12.91
CA SER A 27 -6.28 10.46 -12.11
C SER A 27 -7.34 11.27 -11.38
N GLY A 28 -7.02 12.53 -11.07
CA GLY A 28 -7.91 13.37 -10.28
C GLY A 28 -7.99 12.89 -8.86
N ALA A 29 -6.95 12.20 -8.40
CA ALA A 29 -6.93 11.65 -7.06
C ALA A 29 -6.77 12.75 -6.02
N ASP A 30 -7.46 12.61 -4.89
CA ASP A 30 -7.31 13.55 -3.78
C ASP A 30 -6.12 13.17 -2.92
N ILE A 31 -5.93 11.88 -2.73
CA ILE A 31 -4.82 11.38 -1.91
C ILE A 31 -4.12 10.25 -2.64
N VAL A 32 -2.79 10.33 -2.69
CA VAL A 32 -1.99 9.32 -3.36
C VAL A 32 -0.92 8.80 -2.42
N CYS A 33 -1.04 7.53 -2.03
CA CYS A 33 -0.04 6.88 -1.20
C CYS A 33 0.93 6.09 -2.07
N VAL A 34 2.22 6.26 -1.84
CA VAL A 34 3.20 5.52 -2.63
C VAL A 34 4.23 4.77 -1.79
N GLN A 35 4.68 3.64 -2.32
CA GLN A 35 5.67 2.81 -1.64
C GLN A 35 6.86 2.55 -2.56
N GLU A 36 7.99 2.21 -1.95
CA GLU A 36 9.23 1.96 -2.67
C GLU A 36 9.73 3.19 -3.42
N LEU A 37 9.89 4.29 -2.70
CA LEU A 37 10.53 5.47 -3.27
C LEU A 37 11.86 5.08 -3.88
N LYS A 38 12.55 4.14 -3.23
CA LYS A 38 13.90 3.76 -3.63
C LYS A 38 14.74 5.01 -3.81
N ALA A 39 14.64 5.90 -2.82
CA ALA A 39 15.31 7.18 -2.86
C ALA A 39 15.22 7.85 -1.50
N GLN A 40 16.20 8.69 -1.20
CA GLN A 40 16.19 9.46 0.04
C GLN A 40 15.77 10.89 -0.27
N GLU A 41 15.44 11.65 0.77
CA GLU A 41 14.90 13.00 0.58
C GLU A 41 15.79 13.85 -0.32
N ALA A 42 17.10 13.72 -0.17
CA ALA A 42 18.05 14.49 -0.98
C ALA A 42 18.00 14.11 -2.45
N ASP A 43 17.49 12.92 -2.75
CA ASP A 43 17.47 12.38 -4.11
C ASP A 43 16.16 12.68 -4.84
N LEU A 44 15.25 13.37 -4.17
CA LEU A 44 13.93 13.67 -4.74
C LEU A 44 13.85 15.10 -5.24
N SER A 45 13.22 15.30 -6.39
CA SER A 45 12.93 16.64 -6.86
C SER A 45 11.72 17.16 -6.10
N ALA A 46 11.51 18.47 -6.11
CA ALA A 46 10.37 19.07 -5.42
C ALA A 46 9.06 18.47 -5.93
N ASP A 47 9.02 18.13 -7.20
CA ASP A 47 7.83 17.57 -7.83
C ASP A 47 7.59 16.14 -7.34
N MET A 48 8.59 15.55 -6.70
CA MET A 48 8.45 14.21 -6.14
C MET A 48 8.06 14.27 -4.66
N LYS A 49 7.98 15.48 -4.12
CA LYS A 49 7.61 15.66 -2.73
C LYS A 49 6.26 16.38 -2.62
N ASN A 50 6.08 17.39 -3.46
CA ASN A 50 4.83 18.16 -3.52
C ASN A 50 4.29 18.23 -4.94
N PRO A 51 3.97 17.07 -5.53
CA PRO A 51 3.59 17.03 -6.94
C PRO A 51 2.34 17.86 -7.19
N HIS A 52 2.38 18.71 -8.22
CA HIS A 52 1.24 19.53 -8.61
C HIS A 52 0.72 20.35 -7.45
N GLY A 53 1.61 20.78 -6.57
CA GLY A 53 1.25 21.63 -5.46
C GLY A 53 0.54 20.87 -4.34
N MET A 54 0.56 19.55 -4.41
CA MET A 54 -0.01 18.74 -3.33
C MET A 54 0.93 18.75 -2.14
N HIS A 55 0.38 18.61 -0.95
CA HIS A 55 1.19 18.43 0.24
C HIS A 55 1.77 17.02 0.17
N GLY A 56 2.92 16.82 0.79
CA GLY A 56 3.59 15.54 0.75
C GLY A 56 4.39 15.28 2.00
N HIS A 57 4.28 14.07 2.52
CA HIS A 57 5.11 13.66 3.65
C HIS A 57 5.68 12.28 3.40
N TRP A 58 6.94 12.09 3.75
CA TRP A 58 7.64 10.87 3.39
C TRP A 58 8.44 10.31 4.56
N HIS A 59 8.73 9.03 4.49
CA HIS A 59 9.66 8.40 5.40
C HIS A 59 10.64 7.58 4.58
N CYS A 60 11.91 7.94 4.65
CA CYS A 60 12.94 7.31 3.82
C CYS A 60 13.79 6.33 4.60
N ALA A 61 14.32 5.32 3.91
CA ALA A 61 15.21 4.35 4.52
C ALA A 61 16.57 5.00 4.78
N GLU A 62 17.32 4.42 5.70
CA GLU A 62 18.68 4.90 5.99
C GLU A 62 19.65 4.46 4.90
N LYS A 63 19.47 3.25 4.38
CA LYS A 63 20.26 2.80 3.24
C LYS A 63 19.73 3.46 1.97
N ARG A 64 20.61 3.68 1.00
CA ARG A 64 20.26 4.47 -0.18
C ARG A 64 19.53 3.66 -1.25
N GLY A 65 18.73 4.35 -2.07
CA GLY A 65 17.98 3.71 -3.13
C GLY A 65 17.13 2.53 -2.67
N TYR A 66 16.61 2.63 -1.45
CA TYR A 66 15.89 1.51 -0.85
C TYR A 66 14.59 1.93 -0.17
N SER A 67 13.55 1.13 -0.37
CA SER A 67 12.28 1.30 0.34
C SER A 67 11.78 2.75 0.35
N GLY A 68 11.18 3.17 1.46
CA GLY A 68 10.63 4.50 1.57
C GLY A 68 9.18 4.57 1.14
N VAL A 69 8.39 5.38 1.84
CA VAL A 69 6.98 5.57 1.48
C VAL A 69 6.63 7.05 1.56
N ALA A 70 5.48 7.41 0.99
CA ALA A 70 5.00 8.78 1.08
C ALA A 70 3.48 8.89 0.96
N VAL A 71 2.95 10.01 1.45
CA VAL A 71 1.56 10.36 1.25
C VAL A 71 1.47 11.76 0.64
N TYR A 72 0.83 11.83 -0.52
CA TYR A 72 0.55 13.11 -1.19
C TYR A 72 -0.94 13.41 -1.06
N SER A 73 -1.29 14.68 -0.90
CA SER A 73 -2.68 15.05 -0.71
C SER A 73 -2.94 16.51 -1.09
N LYS A 74 -4.02 16.75 -1.84
CA LYS A 74 -4.40 18.11 -2.20
C LYS A 74 -4.63 18.95 -0.95
N ARG A 75 -5.27 18.34 0.04
CA ARG A 75 -5.58 19.05 1.27
CA ARG A 75 -5.61 19.01 1.29
C ARG A 75 -4.43 18.95 2.26
N LYS A 76 -4.31 19.97 3.12
CA LYS A 76 -3.23 20.00 4.10
C LYS A 76 -3.58 19.17 5.32
N PRO A 77 -2.79 18.13 5.58
CA PRO A 77 -3.06 17.29 6.76
C PRO A 77 -2.88 18.14 8.01
N ASP A 78 -3.81 18.04 8.96
CA ASP A 78 -3.62 18.81 10.19
C ASP A 78 -2.63 18.13 11.13
N ASN A 79 -2.35 16.85 10.88
CA ASN A 79 -1.31 16.14 11.63
C ASN A 79 -0.62 15.06 10.81
N VAL A 80 0.65 14.80 11.13
CA VAL A 80 1.46 13.83 10.38
C VAL A 80 2.35 12.99 11.30
N GLN A 81 2.34 11.69 11.09
CA GLN A 81 3.20 10.78 11.84
C GLN A 81 4.20 10.06 10.93
N ILE A 82 5.48 10.24 11.23
CA ILE A 82 6.56 9.61 10.48
C ILE A 82 7.08 8.37 11.20
N GLY A 83 6.81 7.19 10.65
CA GLY A 83 7.26 5.95 11.24
C GLY A 83 6.28 5.31 12.20
N MET A 84 6.46 4.03 12.49
CA MET A 84 5.57 3.28 13.37
C MET A 84 5.86 3.53 14.83
N GLY A 85 7.14 3.71 15.15
CA GLY A 85 7.58 3.88 16.52
C GLY A 85 8.54 2.79 16.96
N ILE A 86 8.97 1.96 16.00
CA ILE A 86 9.95 0.91 16.27
C ILE A 86 11.19 1.11 15.41
N GLU A 87 12.32 1.41 16.05
CA GLU A 87 13.55 1.70 15.32
C GLU A 87 13.86 0.67 14.23
N GLU A 88 13.81 -0.60 14.60
CA GLU A 88 14.18 -1.66 13.66
C GLU A 88 13.50 -1.50 12.30
N PHE A 89 12.21 -1.19 12.31
CA PHE A 89 11.44 -1.07 11.08
C PHE A 89 11.50 0.34 10.50
N ASP A 90 11.49 1.34 11.36
CA ASP A 90 11.51 2.73 10.92
C ASP A 90 12.81 3.07 10.21
N ARG A 91 13.84 2.27 10.44
CA ARG A 91 15.12 2.44 9.74
C ARG A 91 14.94 2.31 8.23
N GLU A 92 13.86 1.66 7.81
CA GLU A 92 13.65 1.32 6.41
C GLU A 92 12.55 2.13 5.72
N GLY A 93 11.90 3.01 6.47
CA GLY A 93 10.90 3.91 5.93
C GLY A 93 9.75 3.14 5.30
N ARG A 94 8.81 2.72 6.13
CA ARG A 94 7.73 1.85 5.68
C ARG A 94 6.34 2.30 6.16
N PHE A 95 6.29 3.39 6.89
CA PHE A 95 5.03 3.86 7.47
C PHE A 95 4.93 5.37 7.51
N VAL A 96 3.94 5.93 6.82
CA VAL A 96 3.60 7.33 7.03
C VAL A 96 2.09 7.48 7.27
N ARG A 97 1.72 8.31 8.24
CA ARG A 97 0.30 8.55 8.50
C ARG A 97 -0.08 10.02 8.41
N CYS A 98 -1.14 10.34 7.68
CA CYS A 98 -1.61 11.71 7.62
C CYS A 98 -3.07 11.82 8.08
N ASP A 99 -3.35 12.78 8.94
CA ASP A 99 -4.70 13.04 9.43
C ASP A 99 -5.36 14.18 8.68
N PHE A 100 -6.63 14.01 8.33
CA PHE A 100 -7.42 15.07 7.70
C PHE A 100 -8.79 15.10 8.38
N GLY A 101 -8.94 15.93 9.41
CA GLY A 101 -10.15 15.91 10.20
C GLY A 101 -10.31 14.55 10.85
N ARG A 102 -11.43 13.87 10.57
CA ARG A 102 -11.67 12.56 11.15
C ARG A 102 -11.11 11.43 10.29
N LEU A 103 -10.60 11.77 9.11
CA LEU A 103 -9.98 10.77 8.23
C LEU A 103 -8.46 10.70 8.42
N SER A 104 -7.94 9.48 8.40
CA SER A 104 -6.49 9.25 8.41
C SER A 104 -6.14 8.28 7.30
N VAL A 105 -5.05 8.57 6.60
CA VAL A 105 -4.58 7.69 5.55
C VAL A 105 -3.15 7.29 5.85
N ILE A 106 -2.85 6.01 5.72
CA ILE A 106 -1.50 5.52 5.94
C ILE A 106 -0.94 4.97 4.64
N SER A 107 0.32 5.29 4.38
CA SER A 107 1.08 4.62 3.33
C SER A 107 2.00 3.61 4.00
N LEU A 108 1.82 2.34 3.63
CA LEU A 108 2.51 1.23 4.27
C LEU A 108 3.22 0.33 3.26
N TYR A 109 4.49 0.05 3.54
CA TYR A 109 5.26 -0.91 2.75
C TYR A 109 5.71 -2.01 3.70
N LEU A 110 5.01 -3.15 3.65
CA LEU A 110 5.32 -4.26 4.54
C LEU A 110 6.50 -5.05 3.97
N PRO A 111 7.46 -5.43 4.83
CA PRO A 111 8.68 -6.05 4.32
C PRO A 111 8.40 -7.33 3.53
N SER A 112 9.12 -7.51 2.43
CA SER A 112 9.09 -8.74 1.66
C SER A 112 9.98 -9.78 2.34
N GLY A 113 9.67 -11.06 2.14
CA GLY A 113 10.43 -12.13 2.78
C GLY A 113 11.00 -13.15 1.81
N SER A 114 10.91 -12.87 0.52
CA SER A 114 11.33 -13.82 -0.50
C SER A 114 12.83 -13.83 -0.77
N SER A 115 13.56 -12.90 -0.15
CA SER A 115 15.00 -12.79 -0.41
C SER A 115 15.81 -13.78 0.42
N ALA A 116 15.58 -13.78 1.73
CA ALA A 116 16.29 -14.68 2.63
C ALA A 116 15.42 -15.01 3.83
N GLU A 117 15.76 -16.08 4.53
CA GLU A 117 14.98 -16.47 5.71
C GLU A 117 15.00 -15.35 6.75
N GLU A 118 16.14 -14.69 6.87
CA GLU A 118 16.28 -13.55 7.77
C GLU A 118 15.21 -12.49 7.51
N ARG A 119 14.98 -12.21 6.23
CA ARG A 119 13.99 -11.22 5.83
C ARG A 119 12.57 -11.67 6.18
N GLN A 120 12.32 -12.97 6.10
CA GLN A 120 11.01 -13.50 6.49
C GLN A 120 10.86 -13.38 8.00
N GLN A 121 11.98 -13.51 8.70
CA GLN A 121 12.00 -13.27 10.15
C GLN A 121 11.59 -11.84 10.45
N VAL A 122 12.26 -10.89 9.80
CA VAL A 122 11.95 -9.48 9.93
C VAL A 122 10.46 -9.24 9.66
N LYS A 123 9.95 -9.86 8.59
CA LYS A 123 8.56 -9.72 8.21
C LYS A 123 7.62 -10.20 9.31
N TYR A 124 7.89 -11.38 9.85
CA TYR A 124 7.08 -11.92 10.93
C TYR A 124 7.08 -11.01 12.15
N ARG A 125 8.27 -10.54 12.55
CA ARG A 125 8.35 -9.57 13.65
C ARG A 125 7.51 -8.34 13.34
N PHE A 126 7.54 -7.90 12.09
CA PHE A 126 6.75 -6.76 11.66
C PHE A 126 5.26 -7.03 11.88
N LEU A 127 4.80 -8.22 11.46
CA LEU A 127 3.42 -8.59 11.68
C LEU A 127 3.07 -8.48 13.15
N ASP A 128 3.89 -9.12 13.99
CA ASP A 128 3.68 -9.09 15.44
C ASP A 128 3.54 -7.67 15.97
N ALA A 129 4.45 -6.80 15.57
CA ALA A 129 4.47 -5.43 16.08
C ALA A 129 3.34 -4.55 15.51
N PHE A 130 2.85 -4.91 14.32
CA PHE A 130 1.90 -4.07 13.59
C PHE A 130 0.45 -4.41 13.93
N TYR A 131 0.18 -5.69 14.16
CA TYR A 131 -1.16 -6.13 14.53
C TYR A 131 -1.80 -5.24 15.61
N PRO A 132 -1.09 -5.04 16.75
CA PRO A 132 -1.67 -4.22 17.81
C PRO A 132 -1.83 -2.75 17.41
N MET A 133 -0.97 -2.29 16.51
CA MET A 133 -1.11 -0.94 15.97
C MET A 133 -2.41 -0.82 15.21
N LEU A 134 -2.73 -1.84 14.42
CA LEU A 134 -4.00 -1.90 13.70
C LEU A 134 -5.17 -1.99 14.68
N GLU A 135 -4.97 -2.70 15.77
CA GLU A 135 -6.02 -2.80 16.80
C GLU A 135 -6.33 -1.44 17.38
N ALA A 136 -5.29 -0.73 17.83
CA ALA A 136 -5.46 0.60 18.39
C ALA A 136 -6.07 1.57 17.37
N MET A 137 -5.55 1.54 16.15
CA MET A 137 -6.10 2.39 15.09
C MET A 137 -7.60 2.12 14.94
N LYS A 138 -7.97 0.85 14.88
CA LYS A 138 -9.36 0.45 14.81
C LYS A 138 -10.12 1.03 15.99
N ASN A 139 -9.47 1.08 17.14
CA ASN A 139 -10.11 1.53 18.39
C ASN A 139 -10.22 3.04 18.55
N GLU A 140 -9.57 3.80 17.68
CA GLU A 140 -9.68 5.26 17.72
C GLU A 140 -11.11 5.75 17.46
N GLY A 141 -11.85 5.02 16.63
CA GLY A 141 -13.20 5.40 16.29
C GLY A 141 -13.27 6.43 15.19
N ARG A 142 -12.20 6.52 14.39
CA ARG A 142 -12.14 7.46 13.28
C ARG A 142 -12.20 6.71 11.95
N ASP A 143 -12.17 7.44 10.85
CA ASP A 143 -12.18 6.84 9.53
C ASP A 143 -10.74 6.67 9.02
N ILE A 144 -10.26 5.44 9.00
CA ILE A 144 -8.86 5.19 8.66
C ILE A 144 -8.69 4.25 7.48
N VAL A 145 -7.91 4.67 6.50
CA VAL A 145 -7.56 3.84 5.35
C VAL A 145 -6.08 3.51 5.38
N VAL A 146 -5.75 2.23 5.48
CA VAL A 146 -4.37 1.79 5.39
C VAL A 146 -4.08 1.29 3.98
N CYS A 147 -3.45 2.15 3.19
CA CYS A 147 -3.07 1.84 1.82
C CYS A 147 -1.69 1.24 1.81
N GLY A 148 -1.45 0.31 0.89
CA GLY A 148 -0.08 -0.05 0.62
C GLY A 148 0.17 -1.49 0.22
N ASP A 149 1.46 -1.81 0.20
CA ASP A 149 1.92 -3.11 -0.24
C ASP A 149 2.11 -4.01 0.98
N TRP A 150 1.06 -4.76 1.30
CA TRP A 150 1.08 -5.66 2.45
C TRP A 150 1.89 -6.93 2.17
N ASN A 151 2.27 -7.12 0.91
CA ASN A 151 3.09 -8.27 0.52
C ASN A 151 2.52 -9.61 0.97
N ILE A 152 1.20 -9.68 1.11
CA ILE A 152 0.53 -10.91 1.49
C ILE A 152 -0.79 -11.05 0.74
N ALA A 153 -0.98 -12.20 0.10
CA ALA A 153 -2.25 -12.52 -0.54
C ALA A 153 -3.08 -13.37 0.41
N HIS A 154 -4.38 -13.09 0.46
CA HIS A 154 -5.26 -13.68 1.46
C HIS A 154 -5.73 -15.09 1.10
N GLN A 155 -6.51 -15.20 0.03
CA GLN A 155 -7.08 -16.48 -0.40
C GLN A 155 -6.65 -16.84 -1.82
N ASN A 156 -7.05 -18.02 -2.28
CA ASN A 156 -6.66 -18.54 -3.58
C ASN A 156 -7.04 -17.62 -4.74
N ILE A 157 -8.15 -16.91 -4.60
CA ILE A 157 -8.62 -16.01 -5.64
C ILE A 157 -7.71 -14.80 -5.80
N ASP A 158 -6.78 -14.64 -4.86
CA ASP A 158 -5.93 -13.44 -4.83
C ASP A 158 -4.64 -13.58 -5.63
N LEU A 159 -4.44 -14.74 -6.25
CA LEU A 159 -3.28 -14.96 -7.11
C LEU A 159 -3.55 -16.09 -8.08
N LYS A 160 -3.02 -15.97 -9.30
CA LYS A 160 -3.25 -16.99 -10.34
C LYS A 160 -2.73 -18.36 -9.92
N ASN A 161 -1.42 -18.46 -9.70
CA ASN A 161 -0.81 -19.72 -9.28
C ASN A 161 -0.86 -19.88 -7.77
N TRP A 162 -2.02 -20.25 -7.23
CA TRP A 162 -2.19 -20.34 -5.78
C TRP A 162 -1.68 -21.66 -5.21
N LYS A 163 -1.73 -22.72 -6.00
CA LYS A 163 -1.31 -24.03 -5.54
C LYS A 163 0.21 -24.13 -5.36
N GLY A 164 0.95 -23.55 -6.30
CA GLY A 164 2.40 -23.68 -6.32
C GLY A 164 3.15 -22.66 -5.48
N ASN A 165 2.42 -21.73 -4.86
CA ASN A 165 3.04 -20.70 -4.06
C ASN A 165 2.74 -20.84 -2.57
N GLN A 166 2.12 -21.95 -2.20
CA GLN A 166 1.75 -22.17 -0.81
C GLN A 166 2.97 -22.30 0.09
N LYS A 167 4.15 -22.39 -0.51
CA LYS A 167 5.39 -22.52 0.24
C LYS A 167 6.31 -21.32 0.00
N ASN A 168 5.81 -20.32 -0.72
CA ASN A 168 6.58 -19.12 -0.98
C ASN A 168 6.11 -17.94 -0.14
N SER A 169 7.05 -17.10 0.27
CA SER A 169 6.71 -15.90 1.03
C SER A 169 5.65 -15.11 0.27
N GLY A 170 4.62 -14.68 0.97
CA GLY A 170 3.52 -13.97 0.35
C GLY A 170 2.22 -14.76 0.39
N PHE A 171 2.35 -16.08 0.52
CA PHE A 171 1.15 -16.93 0.58
C PHE A 171 1.31 -18.09 1.56
N LEU A 172 2.22 -17.93 2.52
CA LEU A 172 2.39 -18.92 3.58
C LEU A 172 1.15 -18.92 4.47
N PRO A 173 0.78 -20.10 4.98
CA PRO A 173 -0.40 -20.24 5.84
C PRO A 173 -0.47 -19.21 6.96
N GLU A 174 0.63 -19.01 7.69
CA GLU A 174 0.65 -18.07 8.81
C GLU A 174 0.41 -16.63 8.39
N GLU A 175 0.93 -16.25 7.22
CA GLU A 175 0.69 -14.93 6.66
C GLU A 175 -0.78 -14.72 6.34
N ARG A 176 -1.33 -15.62 5.53
CA ARG A 176 -2.76 -15.59 5.17
C ARG A 176 -3.63 -15.52 6.42
N GLU A 177 -3.29 -16.33 7.42
CA GLU A 177 -4.03 -16.36 8.68
C GLU A 177 -3.90 -15.03 9.42
N TRP A 178 -2.74 -14.37 9.28
CA TRP A 178 -2.57 -13.06 9.88
C TRP A 178 -3.46 -12.01 9.23
N ILE A 179 -3.52 -12.02 7.90
CA ILE A 179 -4.42 -11.13 7.18
C ILE A 179 -5.86 -11.38 7.60
N GLY A 180 -6.23 -12.66 7.63
CA GLY A 180 -7.56 -13.06 8.07
C GLY A 180 -7.85 -12.55 9.48
N LYS A 181 -6.84 -12.55 10.33
CA LYS A 181 -6.98 -12.02 11.68
C LYS A 181 -7.27 -10.52 11.62
N VAL A 182 -6.51 -9.81 10.79
CA VAL A 182 -6.73 -8.38 10.63
C VAL A 182 -8.16 -8.08 10.18
N ILE A 183 -8.68 -8.89 9.27
CA ILE A 183 -10.04 -8.68 8.77
C ILE A 183 -11.16 -9.11 9.73
N HIS A 184 -11.21 -10.39 10.07
CA HIS A 184 -12.35 -10.93 10.81
C HIS A 184 -12.30 -10.76 12.32
N LYS A 185 -11.09 -10.68 12.88
CA LYS A 185 -10.95 -10.44 14.32
C LYS A 185 -10.92 -8.94 14.63
N LEU A 186 -10.02 -8.22 13.99
CA LEU A 186 -9.90 -6.78 14.22
C LEU A 186 -11.03 -5.98 13.58
N GLY A 187 -11.64 -6.54 12.54
CA GLY A 187 -12.78 -5.91 11.91
C GLY A 187 -12.47 -5.00 10.74
N TRP A 188 -11.21 -4.95 10.32
CA TRP A 188 -10.84 -4.15 9.16
C TRP A 188 -11.48 -4.71 7.91
N THR A 189 -11.79 -3.84 6.96
CA THR A 189 -12.35 -4.27 5.69
C THR A 189 -11.33 -4.23 4.56
N ASP A 190 -11.17 -5.36 3.88
CA ASP A 190 -10.43 -5.43 2.63
C ASP A 190 -11.31 -4.84 1.55
N MET A 191 -11.08 -3.59 1.20
CA MET A 191 -12.02 -2.83 0.38
C MET A 191 -12.31 -3.45 -0.99
N TRP A 192 -11.26 -3.91 -1.69
CA TRP A 192 -11.47 -4.52 -3.00
C TRP A 192 -12.34 -5.76 -2.91
N ARG A 193 -11.91 -6.71 -2.08
CA ARG A 193 -12.62 -7.97 -1.93
C ARG A 193 -14.08 -7.77 -1.51
N THR A 194 -14.32 -6.75 -0.68
CA THR A 194 -15.69 -6.46 -0.24
C THR A 194 -16.53 -5.81 -1.33
N LEU A 195 -15.91 -4.92 -2.11
CA LEU A 195 -16.60 -4.28 -3.22
C LEU A 195 -16.89 -5.28 -4.35
N TYR A 196 -15.96 -6.20 -4.59
CA TYR A 196 -16.08 -7.13 -5.70
C TYR A 196 -15.74 -8.56 -5.28
N PRO A 197 -16.75 -9.30 -4.81
CA PRO A 197 -16.59 -10.68 -4.30
C PRO A 197 -15.76 -11.61 -5.17
N ASP A 198 -15.99 -11.62 -6.49
CA ASP A 198 -15.38 -12.62 -7.36
C ASP A 198 -14.25 -12.10 -8.26
N VAL A 199 -13.95 -10.81 -8.18
CA VAL A 199 -12.92 -10.22 -9.05
C VAL A 199 -11.53 -10.29 -8.41
N PRO A 200 -10.62 -11.06 -9.01
CA PRO A 200 -9.27 -11.29 -8.49
C PRO A 200 -8.54 -9.99 -8.16
N GLY A 201 -8.53 -9.06 -9.11
CA GLY A 201 -7.92 -7.75 -8.91
C GLY A 201 -6.43 -7.76 -8.60
N TYR A 202 -5.67 -8.55 -9.34
CA TYR A 202 -4.21 -8.60 -9.18
C TYR A 202 -3.62 -7.18 -9.23
N THR A 203 -2.59 -6.94 -8.44
CA THR A 203 -1.96 -5.62 -8.41
C THR A 203 -0.45 -5.73 -8.60
N TRP A 204 0.06 -6.95 -8.77
CA TRP A 204 1.48 -7.17 -8.95
C TRP A 204 1.77 -8.37 -9.85
N TRP A 205 2.83 -8.27 -10.65
CA TRP A 205 3.27 -9.38 -11.50
C TRP A 205 4.79 -9.49 -11.50
N SER A 206 5.29 -10.70 -11.26
CA SER A 206 6.72 -10.96 -11.24
C SER A 206 7.35 -10.70 -12.61
N ASN A 207 8.63 -10.30 -12.60
CA ASN A 207 9.36 -10.08 -13.85
C ASN A 207 9.77 -11.37 -14.55
N ARG A 208 9.55 -12.51 -13.87
CA ARG A 208 9.91 -13.82 -14.40
C ARG A 208 8.98 -14.24 -15.54
N GLY A 209 9.52 -15.06 -16.45
CA GLY A 209 8.73 -15.61 -17.54
C GLY A 209 7.96 -14.55 -18.31
N GLN A 210 6.70 -14.86 -18.61
CA GLN A 210 5.80 -13.90 -19.25
C GLN A 210 4.62 -13.59 -18.34
N ALA A 211 4.90 -13.48 -17.04
CA ALA A 211 3.87 -13.32 -16.03
C ALA A 211 2.92 -12.16 -16.31
N TYR A 212 3.46 -10.99 -16.63
CA TYR A 212 2.62 -9.82 -16.83
C TYR A 212 1.67 -10.00 -18.02
N ALA A 213 2.23 -10.32 -19.18
CA ALA A 213 1.42 -10.53 -20.38
C ALA A 213 0.41 -11.66 -20.18
N LYS A 214 0.77 -12.65 -19.37
CA LYS A 214 -0.11 -13.79 -19.11
C LYS A 214 -1.07 -13.51 -17.96
N ASP A 215 -0.93 -12.36 -17.33
CA ASP A 215 -1.72 -12.00 -16.15
C ASP A 215 -1.59 -13.01 -15.01
N VAL A 216 -0.43 -13.64 -14.90
CA VAL A 216 -0.10 -14.45 -13.74
C VAL A 216 0.28 -13.50 -12.61
N GLY A 217 -0.70 -13.07 -11.82
CA GLY A 217 -0.47 -12.03 -10.84
C GLY A 217 -0.83 -12.36 -9.40
N TRP A 218 -0.65 -11.37 -8.54
CA TRP A 218 -0.95 -11.47 -7.11
C TRP A 218 -1.70 -10.21 -6.73
N ARG A 219 -2.64 -10.31 -5.81
CA ARG A 219 -3.20 -9.12 -5.20
C ARG A 219 -2.58 -8.93 -3.82
N ILE A 220 -1.50 -8.16 -3.76
CA ILE A 220 -0.80 -7.90 -2.51
C ILE A 220 -0.83 -6.43 -2.11
N ASP A 221 -1.48 -5.60 -2.92
CA ASP A 221 -1.70 -4.20 -2.58
C ASP A 221 -3.14 -3.98 -2.12
N TYR A 222 -3.30 -3.41 -0.93
CA TYR A 222 -4.62 -3.25 -0.34
C TYR A 222 -4.94 -1.80 0.03
N GLN A 223 -6.23 -1.51 0.14
CA GLN A 223 -6.72 -0.47 1.02
C GLN A 223 -7.57 -1.13 2.10
N MET A 224 -7.06 -1.12 3.32
CA MET A 224 -7.77 -1.69 4.46
C MET A 224 -8.53 -0.57 5.16
N VAL A 225 -9.84 -0.74 5.30
CA VAL A 225 -10.69 0.38 5.71
C VAL A 225 -11.54 0.09 6.94
N THR A 226 -11.70 1.09 7.80
CA THR A 226 -12.59 0.99 8.95
C THR A 226 -14.06 0.94 8.48
N PRO A 227 -14.94 0.31 9.28
CA PRO A 227 -16.31 -0.05 8.91
C PRO A 227 -17.15 1.09 8.32
N GLU A 228 -17.32 2.17 9.07
CA GLU A 228 -18.15 3.28 8.62
C GLU A 228 -17.72 3.79 7.25
N LEU A 229 -16.41 3.96 7.05
CA LEU A 229 -15.89 4.45 5.78
C LEU A 229 -16.00 3.38 4.70
N ALA A 230 -15.73 2.13 5.07
CA ALA A 230 -15.84 1.03 4.13
C ALA A 230 -17.22 1.03 3.51
N ALA A 231 -18.23 1.25 4.36
CA ALA A 231 -19.63 1.27 3.91
C ALA A 231 -19.89 2.34 2.85
N LYS A 232 -19.01 3.34 2.78
CA LYS A 232 -19.19 4.47 1.86
C LYS A 232 -18.49 4.29 0.52
N ALA A 233 -17.58 3.31 0.45
CA ALA A 233 -16.86 3.05 -0.79
C ALA A 233 -17.86 2.72 -1.89
N VAL A 234 -17.66 3.27 -3.08
CA VAL A 234 -18.62 3.06 -4.16
C VAL A 234 -18.05 2.28 -5.34
N SER A 235 -16.76 2.43 -5.58
CA SER A 235 -16.11 1.67 -6.64
C SER A 235 -14.59 1.68 -6.53
N ALA A 236 -13.94 0.82 -7.31
CA ALA A 236 -12.50 0.73 -7.30
C ALA A 236 -12.05 0.12 -8.61
N HIS A 237 -10.81 0.40 -8.99
CA HIS A 237 -10.24 -0.22 -10.18
C HIS A 237 -8.73 -0.31 -10.06
N VAL A 238 -8.14 -1.23 -10.82
CA VAL A 238 -6.70 -1.36 -10.91
C VAL A 238 -6.27 -0.77 -12.24
N TYR A 239 -5.51 0.32 -12.18
CA TYR A 239 -5.10 1.02 -13.40
C TYR A 239 -3.99 0.28 -14.13
N LYS A 240 -4.24 -0.06 -15.39
CA LYS A 240 -3.28 -0.81 -16.19
C LYS A 240 -3.10 -0.21 -17.59
N ASP A 241 -3.72 0.93 -17.84
CA ASP A 241 -3.60 1.60 -19.13
C ASP A 241 -2.15 2.01 -19.40
N GLU A 242 -1.42 2.27 -18.32
CA GLU A 242 0.01 2.55 -18.41
C GLU A 242 0.74 1.72 -17.37
N LYS A 243 2.01 1.41 -17.63
CA LYS A 243 2.81 0.65 -16.68
C LYS A 243 3.93 1.53 -16.11
N PHE A 244 3.80 1.90 -14.84
CA PHE A 244 4.78 2.76 -14.19
C PHE A 244 5.75 1.94 -13.35
N SER A 245 5.40 0.68 -13.14
CA SER A 245 6.00 -0.11 -12.08
C SER A 245 5.60 -1.55 -12.27
N ASP A 246 6.23 -2.47 -11.54
CA ASP A 246 5.78 -3.85 -11.57
C ASP A 246 4.46 -3.99 -10.82
N HIS A 247 4.14 -2.99 -10.00
CA HIS A 247 2.84 -2.88 -9.35
C HIS A 247 1.91 -1.98 -10.15
N ALA A 248 0.61 -2.18 -9.99
CA ALA A 248 -0.37 -1.29 -10.61
C ALA A 248 -1.09 -0.50 -9.53
N PRO A 249 -1.38 0.79 -9.80
CA PRO A 249 -2.06 1.61 -8.80
C PRO A 249 -3.48 1.11 -8.51
N LEU A 250 -3.82 1.07 -7.24
CA LEU A 250 -5.15 0.65 -6.80
C LEU A 250 -5.96 1.88 -6.44
N VAL A 251 -7.05 2.10 -7.15
CA VAL A 251 -7.87 3.30 -6.98
C VAL A 251 -9.22 2.98 -6.36
N VAL A 252 -9.54 3.66 -5.25
CA VAL A 252 -10.85 3.51 -4.63
C VAL A 252 -11.53 4.85 -4.45
N GLU A 253 -12.83 4.89 -4.76
CA GLU A 253 -13.63 6.10 -4.59
C GLU A 253 -14.61 5.93 -3.42
N TYR A 254 -14.63 6.90 -2.52
CA TYR A 254 -15.51 6.87 -1.37
C TYR A 254 -16.50 8.02 -1.42
N ASP A 255 -17.77 7.71 -1.24
CA ASP A 255 -18.80 8.75 -1.12
C ASP A 255 -18.77 9.32 0.30
N TYR A 256 -17.82 10.20 0.54
CA TYR A 256 -17.55 10.69 1.89
C TYR A 256 -18.52 11.77 2.32
O5' 3DR B 6 8.37 -8.44 -2.98
P 3DR B 6 8.60 -6.90 -3.36
OP1 3DR B 6 7.77 -6.57 -4.54
OP2 3DR B 6 8.45 -6.10 -2.12
C2' 3DR B 6 5.31 -11.71 -3.57
C5' 3DR B 6 7.65 -9.31 -3.85
C4' 3DR B 6 7.42 -10.65 -3.18
O4' 3DR B 6 6.56 -10.49 -2.03
C1' 3DR B 6 5.49 -11.40 -2.10
C3' 3DR B 6 6.76 -11.70 -4.05
O3' 3DR B 6 7.39 -12.95 -3.83
#